data_4J79
#
_entry.id   4J79
#
_cell.length_a   75.100
_cell.length_b   51.180
_cell.length_c   85.250
_cell.angle_alpha   90.00
_cell.angle_beta   101.75
_cell.angle_gamma   90.00
#
_symmetry.space_group_name_H-M   'C 1 2 1'
#
loop_
_entity.id
_entity.type
_entity.pdbx_description
1 polymer "Coatomer subunit beta'"
2 polymer 'Spike glycoprotein'
3 water water
#
loop_
_entity_poly.entity_id
_entity_poly.type
_entity_poly.pdbx_seq_one_letter_code
_entity_poly.pdbx_strand_id
1 'polypeptide(L)'
;MKLDIKKTFSNRSDRVKGIDFHPTEPWVLTTLYSGRVEIWNYETQVEVRSIQVTETPVRAGKFIARKNWIIVGSDDFRIR
VFNYNTGEKVVDFEAHPDYIRSIAVHPTKPYVLSGSDDLTVKLWNWENNWALEQTFEGHEHFVMCVAFNPKDPSTFASGC
LDRTVKVWSLGQSTPNFTLTTGQERGVNYVDYYPLPDKPYMITASDDLTIKIWDYQTKSCVATLEGHMSNVSFAVFHPTL
PIIISGSEDGTLKIWNSSTYKVEKTLNVGLERSWCIATHPTGRKNYIASGFDNGFTVLSLA
;
A
2 'polypeptide(L)' EKVHVQ B
#
# COMPACT_ATOMS: atom_id res chain seq x y z
N LYS A 2 1.70 -12.83 -22.94
CA LYS A 2 3.04 -13.25 -22.56
C LYS A 2 3.72 -12.22 -21.68
N LEU A 3 4.32 -12.67 -20.58
CA LEU A 3 5.13 -11.80 -19.75
C LEU A 3 6.26 -11.23 -20.59
N ASP A 4 6.27 -9.91 -20.74
CA ASP A 4 7.32 -9.22 -21.47
C ASP A 4 7.60 -7.92 -20.71
N ILE A 5 8.47 -8.02 -19.71
CA ILE A 5 8.70 -6.92 -18.77
C ILE A 5 9.64 -5.86 -19.35
N LYS A 6 9.10 -4.66 -19.56
CA LYS A 6 9.86 -3.53 -20.06
C LYS A 6 9.92 -2.44 -19.00
N LYS A 7 11.10 -1.85 -18.82
CA LYS A 7 11.23 -0.74 -17.89
C LYS A 7 10.78 0.53 -18.58
N THR A 8 9.68 1.13 -18.13
CA THR A 8 9.24 2.34 -18.81
C THR A 8 9.92 3.57 -18.23
N PHE A 9 10.15 3.58 -16.92
CA PHE A 9 10.88 4.71 -16.31
C PHE A 9 11.36 4.34 -14.93
N SER A 10 12.66 4.49 -14.70
CA SER A 10 13.21 4.36 -13.37
C SER A 10 14.11 5.55 -13.09
N ASN A 11 14.06 6.04 -11.86
CA ASN A 11 14.90 7.16 -11.45
C ASN A 11 15.37 6.93 -10.04
N ARG A 12 16.52 7.47 -9.70
CA ARG A 12 17.03 7.35 -8.34
C ARG A 12 16.54 8.48 -7.43
N SER A 13 16.43 8.17 -6.13
CA SER A 13 16.02 9.14 -5.13
C SER A 13 16.32 8.57 -3.77
N ASP A 14 15.97 9.31 -2.73
CA ASP A 14 15.99 8.76 -1.39
C ASP A 14 14.94 7.67 -1.29
N ARG A 15 15.02 6.89 -0.21
CA ARG A 15 14.18 5.70 -0.04
C ARG A 15 12.72 6.00 -0.24
N VAL A 16 12.06 5.24 -1.10
CA VAL A 16 10.65 5.51 -1.33
C VAL A 16 9.80 4.50 -0.57
N LYS A 17 8.98 5.05 0.31
CA LYS A 17 8.17 4.28 1.24
C LYS A 17 6.73 4.12 0.78
N GLY A 18 6.23 5.04 -0.04
CA GLY A 18 4.85 5.00 -0.55
C GLY A 18 4.89 5.27 -2.05
N ILE A 19 3.93 4.71 -2.77
CA ILE A 19 3.88 4.86 -4.22
C ILE A 19 2.44 4.64 -4.69
N ASP A 20 2.04 5.38 -5.71
CA ASP A 20 0.66 5.27 -6.20
C ASP A 20 0.56 5.78 -7.64
N PHE A 21 -0.33 5.18 -8.43
CA PHE A 21 -0.59 5.66 -9.80
C PHE A 21 -1.81 6.57 -9.88
N HIS A 22 -1.74 7.60 -10.71
CA HIS A 22 -2.92 8.38 -11.02
C HIS A 22 -3.77 7.58 -12.03
N PRO A 23 -5.10 7.58 -11.87
CA PRO A 23 -5.92 6.76 -12.78
C PRO A 23 -6.06 7.28 -14.21
N THR A 24 -5.94 8.59 -14.44
CA THR A 24 -6.15 9.14 -15.79
C THR A 24 -4.96 9.92 -16.40
N GLU A 25 -4.00 10.32 -15.57
CA GLU A 25 -2.78 10.96 -16.06
C GLU A 25 -1.66 9.94 -15.92
N PRO A 26 -0.64 9.99 -16.80
CA PRO A 26 0.43 8.99 -16.69
C PRO A 26 1.42 9.41 -15.61
N TRP A 27 0.92 9.44 -14.37
CA TRP A 27 1.73 9.94 -13.26
C TRP A 27 1.91 8.88 -12.19
N VAL A 28 3.05 8.93 -11.52
CA VAL A 28 3.27 8.14 -10.32
C VAL A 28 3.67 9.08 -9.19
N LEU A 29 3.06 8.90 -8.02
CA LEU A 29 3.45 9.61 -6.81
C LEU A 29 4.41 8.75 -6.02
N THR A 30 5.51 9.34 -5.57
CA THR A 30 6.39 8.66 -4.62
C THR A 30 6.50 9.48 -3.35
N THR A 31 6.50 8.81 -2.20
CA THR A 31 6.70 9.47 -0.92
C THR A 31 7.96 8.93 -0.27
N LEU A 32 8.86 9.82 0.17
CA LEU A 32 10.22 9.41 0.55
C LEU A 32 10.52 9.51 2.04
N TYR A 33 11.53 8.77 2.46
CA TYR A 33 11.97 8.71 3.85
C TYR A 33 12.48 10.08 4.28
N SER A 34 12.85 10.89 3.30
CA SER A 34 13.39 12.20 3.59
C SER A 34 12.34 13.29 3.85
N GLY A 35 11.08 12.95 3.72
CA GLY A 35 10.03 13.95 3.90
C GLY A 35 9.60 14.61 2.62
N ARG A 36 10.29 14.29 1.52
CA ARG A 36 9.92 14.75 0.20
C ARG A 36 8.88 13.83 -0.50
N VAL A 37 8.03 14.43 -1.31
CA VAL A 37 7.16 13.66 -2.21
C VAL A 37 7.33 14.17 -3.62
N GLU A 38 7.20 13.27 -4.60
CA GLU A 38 7.43 13.56 -6.01
C GLU A 38 6.29 13.01 -6.84
N ILE A 39 5.85 13.79 -7.83
CA ILE A 39 4.89 13.27 -8.79
C ILE A 39 5.61 13.31 -10.13
N TRP A 40 5.80 12.14 -10.73
CA TRP A 40 6.49 12.06 -12.02
C TRP A 40 5.54 11.69 -13.14
N ASN A 41 5.72 12.32 -14.29
CA ASN A 41 5.08 11.81 -15.49
C ASN A 41 6.03 10.75 -16.04
N TYR A 42 5.62 9.48 -16.01
CA TYR A 42 6.57 8.42 -16.34
C TYR A 42 6.68 8.19 -17.85
N GLU A 43 5.81 8.82 -18.62
CA GLU A 43 5.90 8.74 -20.08
C GLU A 43 6.85 9.81 -20.65
N THR A 44 6.76 11.03 -20.14
CA THR A 44 7.70 12.10 -20.56
C THR A 44 8.96 12.16 -19.69
N GLN A 45 8.91 11.50 -18.54
CA GLN A 45 10.03 11.48 -17.60
C GLN A 45 10.41 12.88 -17.10
N VAL A 46 9.38 13.67 -16.81
CA VAL A 46 9.54 14.99 -16.23
C VAL A 46 8.69 15.05 -14.96
N GLU A 47 9.18 15.74 -13.93
CA GLU A 47 8.43 15.91 -12.70
C GLU A 47 7.26 16.87 -12.88
N VAL A 48 6.07 16.49 -12.42
CA VAL A 48 4.98 17.46 -12.53
C VAL A 48 4.93 18.37 -11.31
N ARG A 49 5.22 17.82 -10.13
CA ARG A 49 5.27 18.61 -8.91
C ARG A 49 6.05 17.83 -7.84
N SER A 50 6.75 18.53 -6.98
CA SER A 50 7.38 17.88 -5.83
C SER A 50 7.35 18.85 -4.67
N ILE A 51 7.33 18.31 -3.47
CA ILE A 51 7.12 19.08 -2.26
C ILE A 51 7.99 18.53 -1.14
N GLN A 52 8.65 19.41 -0.42
CA GLN A 52 9.33 18.98 0.79
C GLN A 52 8.27 19.15 1.88
N VAL A 53 7.58 18.05 2.22
CA VAL A 53 6.39 18.13 3.04
C VAL A 53 6.76 18.31 4.49
N THR A 54 7.82 17.62 4.89
CA THR A 54 8.24 17.56 6.29
C THR A 54 9.68 17.06 6.32
N GLU A 55 10.31 16.99 7.50
CA GLU A 55 11.66 16.42 7.56
C GLU A 55 11.66 14.98 8.02
N THR A 56 10.46 14.45 8.29
CA THR A 56 10.33 13.08 8.79
C THR A 56 9.89 12.20 7.62
N PRO A 57 10.02 10.87 7.78
CA PRO A 57 9.59 10.00 6.69
C PRO A 57 8.10 10.14 6.36
N VAL A 58 7.78 10.11 5.08
CA VAL A 58 6.40 10.05 4.63
C VAL A 58 6.16 8.61 4.13
N ARG A 59 5.51 7.79 4.94
CA ARG A 59 5.35 6.37 4.61
C ARG A 59 4.16 6.08 3.72
N ALA A 60 3.23 7.02 3.64
CA ALA A 60 1.99 6.74 2.94
C ALA A 60 1.60 7.88 2.05
N GLY A 61 1.13 7.54 0.86
CA GLY A 61 0.70 8.54 -0.08
C GLY A 61 -0.21 7.93 -1.11
N LYS A 62 -1.29 8.65 -1.38
CA LYS A 62 -2.25 8.25 -2.40
C LYS A 62 -2.80 9.44 -3.18
N PHE A 63 -3.10 9.22 -4.46
CA PHE A 63 -3.92 10.19 -5.19
C PHE A 63 -5.38 10.10 -4.72
N ILE A 64 -6.05 11.25 -4.63
CA ILE A 64 -7.51 11.28 -4.63
C ILE A 64 -7.92 12.03 -5.89
N ALA A 65 -7.95 11.32 -7.01
CA ALA A 65 -8.09 11.91 -8.34
C ALA A 65 -9.33 12.77 -8.50
N ARG A 66 -10.45 12.32 -7.95
CA ARG A 66 -11.71 13.04 -8.10
C ARG A 66 -11.74 14.40 -7.41
N LYS A 67 -10.76 14.66 -6.54
CA LYS A 67 -10.66 15.95 -5.88
C LYS A 67 -9.37 16.68 -6.29
N ASN A 68 -8.62 16.09 -7.23
CA ASN A 68 -7.32 16.61 -7.67
C ASN A 68 -6.31 16.76 -6.53
N TRP A 69 -6.31 15.80 -5.61
CA TRP A 69 -5.45 15.86 -4.44
C TRP A 69 -4.45 14.72 -4.38
N ILE A 70 -3.41 14.93 -3.59
CA ILE A 70 -2.65 13.83 -3.03
C ILE A 70 -2.85 13.90 -1.52
N ILE A 71 -2.89 12.77 -0.85
CA ILE A 71 -2.98 12.77 0.60
C ILE A 71 -1.78 11.99 1.08
N VAL A 72 -1.08 12.51 2.08
CA VAL A 72 0.14 11.86 2.57
C VAL A 72 0.15 11.79 4.10
N GLY A 73 0.83 10.80 4.62
CA GLY A 73 0.96 10.66 6.06
C GLY A 73 2.38 10.36 6.49
N SER A 74 2.82 10.98 7.59
CA SER A 74 4.23 10.95 7.95
C SER A 74 4.52 10.67 9.42
N ASP A 75 5.79 10.41 9.72
CA ASP A 75 6.22 10.05 11.08
C ASP A 75 6.09 11.19 12.08
N ASP A 76 5.83 12.41 11.59
CA ASP A 76 5.48 13.52 12.49
C ASP A 76 4.03 13.46 12.98
N PHE A 77 3.37 12.34 12.67
CA PHE A 77 1.99 12.03 13.11
C PHE A 77 0.91 12.73 12.29
N ARG A 78 1.28 13.43 11.23
CA ARG A 78 0.33 14.28 10.54
C ARG A 78 -0.12 13.73 9.19
N ILE A 79 -1.39 13.97 8.88
CA ILE A 79 -1.93 13.78 7.53
C ILE A 79 -1.98 15.14 6.85
N ARG A 80 -1.47 15.24 5.62
CA ARG A 80 -1.55 16.46 4.83
C ARG A 80 -2.13 16.15 3.46
N VAL A 81 -2.89 17.09 2.94
CA VAL A 81 -3.53 16.96 1.63
C VAL A 81 -3.15 18.16 0.79
N PHE A 82 -2.71 17.90 -0.45
CA PHE A 82 -2.28 18.97 -1.35
C PHE A 82 -3.01 18.86 -2.66
N ASN A 83 -3.38 20.00 -3.24
CA ASN A 83 -3.95 20.01 -4.57
C ASN A 83 -2.80 19.90 -5.56
N TYR A 84 -2.82 18.91 -6.45
CA TYR A 84 -1.62 18.71 -7.27
C TYR A 84 -1.56 19.66 -8.47
N ASN A 85 -2.65 20.35 -8.74
CA ASN A 85 -2.67 21.33 -9.81
C ASN A 85 -2.14 22.69 -9.35
N THR A 86 -2.37 23.04 -8.10
CA THR A 86 -2.00 24.37 -7.60
C THR A 86 -0.90 24.31 -6.54
N GLY A 87 -0.76 23.18 -5.87
CA GLY A 87 0.22 23.04 -4.82
C GLY A 87 -0.34 23.47 -3.48
N GLU A 88 -1.58 23.97 -3.47
CA GLU A 88 -2.22 24.37 -2.21
C GLU A 88 -2.31 23.23 -1.18
N LYS A 89 -1.91 23.52 0.05
CA LYS A 89 -2.09 22.58 1.15
C LYS A 89 -3.52 22.72 1.66
N VAL A 90 -4.33 21.72 1.36
CA VAL A 90 -5.75 21.76 1.63
C VAL A 90 -6.02 21.59 3.13
N VAL A 91 -5.34 20.63 3.75
CA VAL A 91 -5.50 20.40 5.17
C VAL A 91 -4.21 19.82 5.73
N ASP A 92 -4.02 19.98 7.03
CA ASP A 92 -2.81 19.51 7.69
C ASP A 92 -3.22 19.30 9.15
N PHE A 93 -3.31 18.04 9.57
CA PHE A 93 -3.74 17.77 10.94
C PHE A 93 -3.01 16.58 11.55
N GLU A 94 -2.86 16.59 12.88
CA GLU A 94 -2.33 15.42 13.56
C GLU A 94 -3.42 14.36 13.58
N ALA A 95 -3.11 13.18 13.05
CA ALA A 95 -4.09 12.11 12.90
C ALA A 95 -4.01 11.09 14.03
N HIS A 96 -2.78 10.82 14.48
CA HIS A 96 -2.51 9.80 15.49
C HIS A 96 -1.40 10.34 16.38
N PRO A 97 -1.24 9.79 17.58
CA PRO A 97 -0.11 10.19 18.41
C PRO A 97 1.13 9.34 18.13
N ASP A 98 1.23 8.78 16.92
CA ASP A 98 2.37 7.93 16.58
C ASP A 98 2.43 7.81 15.07
N TYR A 99 3.41 7.07 14.55
CA TYR A 99 3.66 6.99 13.11
C TYR A 99 2.43 6.55 12.32
N ILE A 100 2.28 7.09 11.12
CA ILE A 100 1.26 6.64 10.18
C ILE A 100 1.94 5.66 9.22
N ARG A 101 1.39 4.46 9.08
CA ARG A 101 2.00 3.39 8.27
C ARG A 101 1.34 3.26 6.89
N SER A 102 0.07 3.62 6.80
CA SER A 102 -0.75 3.23 5.63
C SER A 102 -1.98 4.12 5.54
N ILE A 103 -2.33 4.50 4.32
CA ILE A 103 -3.53 5.26 4.06
C ILE A 103 -4.29 4.58 2.93
N ALA A 104 -5.61 4.43 3.09
CA ALA A 104 -6.44 3.93 1.98
C ALA A 104 -7.59 4.91 1.71
N VAL A 105 -8.00 5.02 0.46
CA VAL A 105 -9.14 5.89 0.20
C VAL A 105 -10.29 5.13 -0.45
N HIS A 106 -11.50 5.42 0.03
CA HIS A 106 -12.69 4.70 -0.41
C HIS A 106 -12.88 4.99 -1.90
N PRO A 107 -13.33 3.99 -2.67
CA PRO A 107 -13.47 4.21 -4.11
C PRO A 107 -14.56 5.19 -4.55
N THR A 108 -15.59 5.40 -3.72
CA THR A 108 -16.69 6.30 -4.10
C THR A 108 -17.06 7.32 -3.02
N LYS A 109 -16.95 6.91 -1.77
CA LYS A 109 -17.37 7.73 -0.64
C LYS A 109 -16.20 8.58 -0.15
N PRO A 110 -16.48 9.69 0.54
CA PRO A 110 -15.37 10.61 0.84
C PRO A 110 -14.59 10.22 2.09
N TYR A 111 -14.07 9.00 2.11
CA TYR A 111 -13.51 8.43 3.32
C TYR A 111 -12.05 8.07 3.10
N VAL A 112 -11.24 8.36 4.10
CA VAL A 112 -9.84 7.92 4.10
C VAL A 112 -9.60 7.15 5.39
N LEU A 113 -8.88 6.03 5.30
CA LEU A 113 -8.46 5.29 6.48
C LEU A 113 -6.97 5.52 6.67
N SER A 114 -6.55 5.66 7.93
CA SER A 114 -5.12 5.69 8.28
C SER A 114 -4.87 4.61 9.32
N GLY A 115 -3.83 3.84 9.13
CA GLY A 115 -3.39 2.84 10.08
C GLY A 115 -2.10 3.33 10.73
N SER A 116 -1.96 3.09 12.04
CA SER A 116 -0.90 3.71 12.80
C SER A 116 -0.25 2.80 13.83
N ASP A 117 0.95 3.18 14.24
CA ASP A 117 1.64 2.56 15.37
C ASP A 117 0.90 2.74 16.69
N ASP A 118 -0.12 3.60 16.70
CA ASP A 118 -0.92 3.79 17.92
C ASP A 118 -1.95 2.67 18.11
N LEU A 119 -1.82 1.61 17.32
CA LEU A 119 -2.65 0.40 17.38
C LEU A 119 -4.04 0.52 16.76
N THR A 120 -4.33 1.63 16.09
CA THR A 120 -5.67 1.89 15.58
C THR A 120 -5.71 2.12 14.07
N VAL A 121 -6.91 2.00 13.54
CA VAL A 121 -7.29 2.57 12.25
C VAL A 121 -8.28 3.71 12.50
N LYS A 122 -8.07 4.84 11.84
CA LYS A 122 -9.00 5.94 11.91
C LYS A 122 -9.63 6.26 10.57
N LEU A 123 -10.89 6.66 10.60
CA LEU A 123 -11.68 6.97 9.41
C LEU A 123 -11.95 8.47 9.40
N TRP A 124 -11.57 9.14 8.31
CA TRP A 124 -11.72 10.59 8.19
C TRP A 124 -12.62 10.88 7.00
N ASN A 125 -13.48 11.90 7.13
CA ASN A 125 -14.47 12.20 6.09
C ASN A 125 -14.19 13.58 5.55
N TRP A 126 -13.77 13.69 4.27
CA TRP A 126 -13.41 14.99 3.74
C TRP A 126 -14.60 15.89 3.39
N GLU A 127 -15.81 15.34 3.38
CA GLU A 127 -17.02 16.16 3.23
C GLU A 127 -17.52 16.70 4.57
N ASN A 128 -16.90 16.25 5.67
CA ASN A 128 -17.22 16.76 7.01
C ASN A 128 -16.00 17.40 7.65
N ASN A 129 -15.33 18.26 6.87
CA ASN A 129 -14.12 18.93 7.33
C ASN A 129 -13.06 17.99 7.90
N TRP A 130 -12.91 16.81 7.29
CA TRP A 130 -11.87 15.85 7.70
C TRP A 130 -12.06 15.43 9.15
N ALA A 131 -13.32 15.39 9.57
CA ALA A 131 -13.65 14.94 10.93
C ALA A 131 -13.29 13.48 11.12
N LEU A 132 -12.79 13.15 12.31
CA LEU A 132 -12.59 11.76 12.70
C LEU A 132 -13.98 11.20 12.92
N GLU A 133 -14.40 10.25 12.08
CA GLU A 133 -15.74 9.69 12.22
C GLU A 133 -15.76 8.37 12.96
N GLN A 134 -14.64 7.65 12.99
CA GLN A 134 -14.58 6.40 13.73
C GLN A 134 -13.15 5.99 14.00
N THR A 135 -12.90 5.42 15.17
CA THR A 135 -11.63 4.77 15.47
C THR A 135 -11.87 3.28 15.67
N PHE A 136 -11.09 2.46 14.98
CA PHE A 136 -11.24 1.01 15.06
C PHE A 136 -10.15 0.47 15.97
N GLU A 137 -10.56 -0.05 17.14
CA GLU A 137 -9.63 -0.51 18.16
C GLU A 137 -9.75 -2.00 18.34
N GLY A 138 -8.65 -2.64 18.70
CA GLY A 138 -8.62 -4.08 18.80
C GLY A 138 -7.25 -4.66 18.53
N HIS A 139 -6.49 -4.03 17.62
CA HIS A 139 -5.17 -4.58 17.34
C HIS A 139 -4.25 -4.34 18.53
N GLU A 140 -3.18 -5.14 18.62
CA GLU A 140 -2.29 -5.10 19.77
C GLU A 140 -0.83 -4.76 19.39
N HIS A 141 -0.58 -4.37 18.14
CA HIS A 141 0.74 -3.88 17.72
C HIS A 141 0.49 -2.94 16.55
N PHE A 142 1.56 -2.49 15.89
CA PHE A 142 1.43 -1.47 14.86
C PHE A 142 0.54 -1.93 13.71
N VAL A 143 -0.37 -1.07 13.27
CA VAL A 143 -1.20 -1.38 12.10
C VAL A 143 -0.44 -0.94 10.86
N MET A 144 0.03 -1.92 10.08
CA MET A 144 0.99 -1.68 9.00
C MET A 144 0.35 -1.41 7.64
N CYS A 145 -0.90 -1.82 7.49
CA CYS A 145 -1.55 -1.72 6.17
C CYS A 145 -3.06 -1.75 6.32
N VAL A 146 -3.74 -0.89 5.56
CA VAL A 146 -5.19 -0.86 5.48
C VAL A 146 -5.62 -0.88 4.02
N ALA A 147 -6.67 -1.63 3.75
CA ALA A 147 -7.11 -1.78 2.39
C ALA A 147 -8.61 -2.03 2.35
N PHE A 148 -9.34 -1.24 1.57
CA PHE A 148 -10.77 -1.52 1.38
C PHE A 148 -10.96 -2.75 0.52
N ASN A 149 -12.01 -3.50 0.79
CA ASN A 149 -12.43 -4.55 -0.13
C ASN A 149 -13.05 -3.88 -1.38
N PRO A 150 -12.41 -4.02 -2.56
CA PRO A 150 -12.97 -3.29 -3.69
C PRO A 150 -14.36 -3.79 -4.11
N LYS A 151 -14.71 -5.01 -3.74
CA LYS A 151 -16.02 -5.58 -4.10
C LYS A 151 -17.08 -5.26 -3.06
N ASP A 152 -16.66 -4.75 -1.91
CA ASP A 152 -17.60 -4.35 -0.87
C ASP A 152 -16.86 -3.38 0.04
N PRO A 153 -16.74 -2.12 -0.40
CA PRO A 153 -15.95 -1.15 0.33
C PRO A 153 -16.64 -0.60 1.57
N SER A 154 -17.77 -1.20 1.97
CA SER A 154 -18.26 -1.00 3.34
C SER A 154 -17.42 -1.79 4.33
N THR A 155 -16.53 -2.65 3.81
CA THR A 155 -15.61 -3.40 4.66
C THR A 155 -14.17 -3.09 4.24
N PHE A 156 -13.25 -3.27 5.17
CA PHE A 156 -11.82 -3.10 4.89
C PHE A 156 -11.03 -4.02 5.78
N ALA A 157 -9.77 -4.23 5.43
CA ALA A 157 -8.86 -5.08 6.18
C ALA A 157 -7.71 -4.27 6.74
N SER A 158 -7.28 -4.62 7.95
CA SER A 158 -6.06 -4.09 8.56
C SER A 158 -5.08 -5.23 8.81
N GLY A 159 -3.83 -5.04 8.40
CA GLY A 159 -2.76 -5.99 8.65
C GLY A 159 -1.86 -5.47 9.75
N CYS A 160 -1.49 -6.32 10.71
CA CYS A 160 -0.90 -5.83 11.94
C CYS A 160 0.31 -6.68 12.39
N LEU A 161 1.26 -6.04 13.09
CA LEU A 161 2.41 -6.78 13.61
C LEU A 161 1.99 -7.72 14.74
N ASP A 162 0.73 -7.63 15.18
CA ASP A 162 0.21 -8.56 16.20
C ASP A 162 -0.12 -9.95 15.62
N ARG A 163 0.24 -10.15 14.34
CA ARG A 163 0.10 -11.41 13.60
C ARG A 163 -1.31 -11.69 13.08
N THR A 164 -2.19 -10.69 13.12
CA THR A 164 -3.54 -10.86 12.64
C THR A 164 -3.88 -9.92 11.47
N VAL A 165 -4.91 -10.30 10.72
CA VAL A 165 -5.64 -9.36 9.87
C VAL A 165 -7.01 -9.25 10.49
N LYS A 166 -7.51 -8.04 10.62
CA LYS A 166 -8.88 -7.83 11.04
C LYS A 166 -9.68 -7.22 9.91
N VAL A 167 -10.88 -7.73 9.70
CA VAL A 167 -11.75 -7.19 8.70
C VAL A 167 -12.90 -6.54 9.44
N TRP A 168 -13.22 -5.32 9.04
CA TRP A 168 -14.17 -4.48 9.74
C TRP A 168 -15.29 -3.98 8.84
N SER A 169 -16.43 -3.58 9.42
CA SER A 169 -17.50 -2.87 8.69
C SER A 169 -17.54 -1.42 9.17
N LEU A 170 -17.68 -0.48 8.23
CA LEU A 170 -17.73 0.94 8.58
C LEU A 170 -18.77 1.25 9.70
N GLY A 171 -19.92 0.63 9.71
CA GLY A 171 -20.81 0.95 10.83
C GLY A 171 -20.37 0.63 12.29
N GLN A 172 -19.28 -0.12 12.46
CA GLN A 172 -19.22 -1.09 13.58
C GLN A 172 -17.89 -1.15 14.32
N SER A 173 -17.94 -1.37 15.63
CA SER A 173 -16.76 -1.20 16.49
C SER A 173 -15.85 -2.42 16.66
N THR A 174 -16.34 -3.60 16.30
CA THR A 174 -15.53 -4.81 16.43
C THR A 174 -15.36 -5.43 15.06
N PRO A 175 -14.26 -6.19 14.89
CA PRO A 175 -14.06 -6.84 13.58
C PRO A 175 -15.18 -7.82 13.27
N ASN A 176 -15.54 -7.91 11.99
CA ASN A 176 -16.41 -8.98 11.52
C ASN A 176 -15.72 -10.31 11.76
N PHE A 177 -14.40 -10.30 11.63
CA PHE A 177 -13.58 -11.45 11.98
C PHE A 177 -12.12 -11.08 12.09
N THR A 178 -11.37 -11.90 12.82
CA THR A 178 -9.94 -11.78 12.96
C THR A 178 -9.29 -13.03 12.38
N LEU A 179 -8.36 -12.82 11.47
CA LEU A 179 -7.66 -13.92 10.82
C LEU A 179 -6.35 -14.15 11.55
N THR A 180 -6.16 -15.35 12.09
CA THR A 180 -4.90 -15.71 12.71
C THR A 180 -4.00 -16.25 11.61
N THR A 181 -2.98 -15.50 11.23
CA THR A 181 -2.26 -15.82 10.02
C THR A 181 -1.23 -16.92 10.20
N GLY A 182 -0.81 -17.14 11.44
CA GLY A 182 0.34 -18.01 11.69
C GLY A 182 1.62 -17.43 11.13
N GLN A 183 1.59 -16.14 10.80
CA GLN A 183 2.81 -15.44 10.39
C GLN A 183 3.36 -14.75 11.64
N GLU A 184 4.23 -15.45 12.36
CA GLU A 184 4.48 -15.12 13.76
C GLU A 184 5.37 -13.89 13.93
N ARG A 185 5.95 -13.40 12.84
CA ARG A 185 6.66 -12.12 12.92
C ARG A 185 5.79 -10.93 12.49
N GLY A 186 4.48 -11.19 12.34
CA GLY A 186 3.54 -10.11 12.07
C GLY A 186 3.11 -10.05 10.61
N VAL A 187 2.15 -9.17 10.33
CA VAL A 187 1.68 -8.94 8.96
C VAL A 187 2.05 -7.52 8.56
N ASN A 188 2.83 -7.37 7.49
CA ASN A 188 3.24 -6.05 6.97
C ASN A 188 2.29 -5.46 5.93
N TYR A 189 1.52 -6.33 5.28
CA TYR A 189 0.72 -5.94 4.13
C TYR A 189 -0.46 -6.87 4.01
N VAL A 190 -1.57 -6.29 3.58
CA VAL A 190 -2.77 -7.06 3.21
C VAL A 190 -3.40 -6.43 1.95
N ASP A 191 -3.91 -7.28 1.05
CA ASP A 191 -4.48 -6.84 -0.22
C ASP A 191 -5.61 -7.81 -0.53
N TYR A 192 -6.58 -7.32 -1.28
CA TYR A 192 -7.70 -8.13 -1.77
C TYR A 192 -7.52 -8.49 -3.23
N TYR A 193 -7.94 -9.71 -3.60
CA TYR A 193 -8.09 -10.03 -5.01
C TYR A 193 -9.27 -9.24 -5.54
N PRO A 194 -9.11 -8.54 -6.67
CA PRO A 194 -10.20 -7.60 -6.97
C PRO A 194 -11.35 -8.15 -7.81
N LEU A 195 -11.22 -9.37 -8.30
CA LEU A 195 -12.19 -9.91 -9.25
C LEU A 195 -13.21 -10.77 -8.49
N PRO A 196 -14.44 -10.87 -9.02
CA PRO A 196 -15.52 -11.52 -8.26
C PRO A 196 -15.44 -13.06 -8.18
N ASP A 197 -14.51 -13.70 -8.88
CA ASP A 197 -14.51 -15.17 -8.88
C ASP A 197 -13.89 -15.85 -7.63
N LYS A 198 -13.12 -15.10 -6.85
CA LYS A 198 -12.54 -15.65 -5.61
C LYS A 198 -12.63 -14.64 -4.48
N PRO A 199 -13.07 -15.07 -3.29
CA PRO A 199 -13.04 -14.20 -2.11
C PRO A 199 -11.67 -14.29 -1.44
N TYR A 200 -10.63 -13.80 -2.10
CA TYR A 200 -9.28 -13.99 -1.60
C TYR A 200 -8.64 -12.69 -1.08
N MET A 201 -7.83 -12.85 -0.04
CA MET A 201 -6.93 -11.79 0.44
C MET A 201 -5.53 -12.35 0.49
N ILE A 202 -4.54 -11.49 0.62
CA ILE A 202 -3.15 -11.96 0.63
C ILE A 202 -2.36 -11.19 1.68
N THR A 203 -1.48 -11.89 2.42
CA THR A 203 -0.70 -11.25 3.49
C THR A 203 0.79 -11.49 3.31
N ALA A 204 1.60 -10.49 3.67
CA ALA A 204 3.06 -10.58 3.58
C ALA A 204 3.67 -10.34 4.95
N SER A 205 4.79 -11.02 5.25
CA SER A 205 5.34 -11.00 6.60
C SER A 205 6.86 -10.96 6.70
N ASP A 206 7.37 -10.49 7.83
CA ASP A 206 8.79 -10.58 8.16
C ASP A 206 9.23 -12.04 8.29
N ASP A 207 8.27 -12.97 8.38
CA ASP A 207 8.62 -14.38 8.53
C ASP A 207 8.97 -15.04 7.20
N LEU A 208 9.10 -14.19 6.16
CA LEU A 208 9.55 -14.56 4.83
C LEU A 208 8.45 -15.18 3.97
N THR A 209 7.23 -15.29 4.53
CA THR A 209 6.16 -15.91 3.77
C THR A 209 5.08 -14.94 3.25
N ILE A 210 4.38 -15.39 2.22
CA ILE A 210 3.21 -14.72 1.70
C ILE A 210 2.09 -15.77 1.76
N LYS A 211 0.94 -15.38 2.28
CA LYS A 211 -0.17 -16.35 2.38
C LYS A 211 -1.45 -15.86 1.68
N ILE A 212 -2.17 -16.79 1.06
CA ILE A 212 -3.44 -16.50 0.40
C ILE A 212 -4.56 -17.05 1.27
N TRP A 213 -5.62 -16.26 1.42
CA TRP A 213 -6.72 -16.57 2.32
C TRP A 213 -8.06 -16.51 1.64
N ASP A 214 -8.92 -17.48 1.94
CA ASP A 214 -10.32 -17.37 1.56
C ASP A 214 -11.03 -16.66 2.71
N TYR A 215 -11.53 -15.46 2.46
CA TYR A 215 -12.12 -14.68 3.54
C TYR A 215 -13.52 -15.12 3.98
N GLN A 216 -14.12 -16.02 3.23
CA GLN A 216 -15.40 -16.63 3.65
C GLN A 216 -15.19 -17.72 4.69
N THR A 217 -14.24 -18.61 4.42
CA THR A 217 -13.99 -19.77 5.27
C THR A 217 -12.88 -19.52 6.28
N LYS A 218 -12.06 -18.49 6.03
CA LYS A 218 -10.87 -18.16 6.82
C LYS A 218 -9.69 -19.13 6.64
N SER A 219 -9.75 -19.98 5.61
CA SER A 219 -8.69 -20.95 5.38
C SER A 219 -7.53 -20.35 4.61
N CYS A 220 -6.34 -20.85 4.92
CA CYS A 220 -5.17 -20.58 4.10
C CYS A 220 -5.22 -21.47 2.86
N VAL A 221 -5.25 -20.84 1.70
CA VAL A 221 -5.30 -21.52 0.41
C VAL A 221 -3.89 -21.92 -0.04
N ALA A 222 -2.91 -21.02 0.14
CA ALA A 222 -1.55 -21.30 -0.28
C ALA A 222 -0.54 -20.49 0.54
N THR A 223 0.69 -20.99 0.60
CA THR A 223 1.78 -20.24 1.22
C THR A 223 2.86 -20.13 0.18
N LEU A 224 3.34 -18.91 -0.07
CA LEU A 224 4.33 -18.68 -1.11
C LEU A 224 5.67 -18.42 -0.43
N GLU A 225 6.65 -19.26 -0.72
CA GLU A 225 7.96 -19.17 -0.07
C GLU A 225 9.05 -18.92 -1.10
N GLY A 226 10.06 -18.14 -0.71
CA GLY A 226 11.16 -17.90 -1.61
C GLY A 226 11.90 -16.61 -1.32
N HIS A 227 11.22 -15.64 -0.72
CA HIS A 227 11.92 -14.41 -0.34
C HIS A 227 12.92 -14.66 0.78
N MET A 228 14.05 -13.92 0.80
CA MET A 228 15.10 -14.22 1.75
C MET A 228 15.23 -13.16 2.84
N SER A 229 14.35 -12.16 2.77
CA SER A 229 14.27 -11.21 3.88
C SER A 229 12.82 -10.73 3.96
N ASN A 230 12.56 -9.78 4.86
CA ASN A 230 11.20 -9.32 5.12
C ASN A 230 10.40 -9.08 3.84
N VAL A 231 9.17 -9.60 3.75
CA VAL A 231 8.36 -9.31 2.57
C VAL A 231 7.56 -8.06 2.87
N SER A 232 7.86 -6.99 2.14
CA SER A 232 7.25 -5.69 2.38
C SER A 232 5.80 -5.60 1.90
N PHE A 233 5.48 -6.34 0.83
CA PHE A 233 4.16 -6.30 0.22
C PHE A 233 3.95 -7.51 -0.67
N ALA A 234 2.69 -7.83 -0.91
CA ALA A 234 2.32 -8.80 -1.94
C ALA A 234 0.93 -8.42 -2.40
N VAL A 235 0.73 -8.38 -3.71
CA VAL A 235 -0.56 -7.97 -4.24
C VAL A 235 -1.01 -8.85 -5.40
N PHE A 236 -2.32 -8.97 -5.58
CA PHE A 236 -2.84 -9.58 -6.78
C PHE A 236 -2.82 -8.54 -7.90
N HIS A 237 -2.28 -8.88 -9.07
CA HIS A 237 -2.45 -7.95 -10.17
C HIS A 237 -3.93 -7.88 -10.51
N PRO A 238 -4.45 -6.69 -10.83
CA PRO A 238 -5.91 -6.57 -10.98
C PRO A 238 -6.46 -7.28 -12.21
N THR A 239 -5.56 -7.51 -13.18
CA THR A 239 -5.95 -7.94 -14.51
C THR A 239 -5.30 -9.28 -14.89
N LEU A 240 -3.99 -9.39 -14.64
CA LEU A 240 -3.19 -10.57 -15.01
C LEU A 240 -3.24 -11.62 -13.92
N PRO A 241 -3.11 -12.91 -14.30
CA PRO A 241 -3.20 -14.00 -13.32
C PRO A 241 -1.88 -14.20 -12.57
N ILE A 242 -1.41 -13.14 -11.91
CA ILE A 242 -0.16 -13.18 -11.18
C ILE A 242 -0.29 -12.47 -9.85
N ILE A 243 0.67 -12.75 -8.98
CA ILE A 243 0.84 -12.06 -7.71
C ILE A 243 2.21 -11.40 -7.79
N ILE A 244 2.34 -10.18 -7.28
CA ILE A 244 3.60 -9.46 -7.30
C ILE A 244 3.98 -9.15 -5.87
N SER A 245 5.19 -9.56 -5.47
CA SER A 245 5.69 -9.27 -4.14
C SER A 245 7.05 -8.56 -4.18
N GLY A 246 7.44 -7.95 -3.07
CA GLY A 246 8.73 -7.27 -2.98
C GLY A 246 9.27 -7.38 -1.58
N SER A 247 10.59 -7.37 -1.46
CA SER A 247 11.21 -7.73 -0.20
C SER A 247 12.46 -6.94 0.10
N GLU A 248 12.83 -6.94 1.38
CA GLU A 248 14.09 -6.31 1.80
C GLU A 248 15.26 -7.15 1.29
N ASP A 249 14.96 -8.25 0.59
CA ASP A 249 16.05 -8.99 -0.06
C ASP A 249 16.44 -8.34 -1.39
N GLY A 250 15.78 -7.24 -1.75
CA GLY A 250 16.13 -6.48 -2.93
C GLY A 250 15.43 -6.93 -4.20
N THR A 251 14.56 -7.93 -4.08
CA THR A 251 13.91 -8.47 -5.27
C THR A 251 12.40 -8.18 -5.34
N LEU A 252 11.89 -8.19 -6.57
CA LEU A 252 10.46 -8.31 -6.83
C LEU A 252 10.28 -9.73 -7.30
N LYS A 253 9.21 -10.37 -6.86
CA LYS A 253 8.88 -11.67 -7.42
C LYS A 253 7.52 -11.67 -8.07
N ILE A 254 7.41 -12.29 -9.23
CA ILE A 254 6.11 -12.50 -9.85
C ILE A 254 5.71 -13.98 -9.73
N TRP A 255 4.51 -14.24 -9.22
CA TRP A 255 4.11 -15.62 -8.96
C TRP A 255 2.87 -15.93 -9.78
N ASN A 256 2.76 -17.18 -10.25
CA ASN A 256 1.56 -17.64 -10.95
C ASN A 256 0.41 -17.75 -9.94
N SER A 257 -0.72 -17.08 -10.19
CA SER A 257 -1.76 -17.02 -9.16
C SER A 257 -2.65 -18.25 -9.15
N SER A 258 -2.30 -19.24 -9.97
CA SER A 258 -3.06 -20.50 -10.01
C SER A 258 -2.26 -21.60 -9.35
N THR A 259 -0.98 -21.69 -9.73
CA THR A 259 -0.10 -22.74 -9.23
C THR A 259 0.64 -22.27 -7.98
N TYR A 260 0.71 -20.95 -7.82
CA TYR A 260 1.41 -20.33 -6.70
C TYR A 260 2.92 -20.60 -6.74
N LYS A 261 3.44 -20.85 -7.93
CA LYS A 261 4.89 -20.97 -8.12
C LYS A 261 5.48 -19.71 -8.73
N VAL A 262 6.70 -19.38 -8.32
CA VAL A 262 7.37 -18.18 -8.83
C VAL A 262 7.57 -18.30 -10.35
N GLU A 263 7.35 -17.19 -11.04
CA GLU A 263 7.45 -17.15 -12.50
C GLU A 263 8.68 -16.33 -12.89
N LYS A 264 8.97 -15.29 -12.13
CA LYS A 264 10.10 -14.43 -12.42
C LYS A 264 10.58 -13.75 -11.14
N THR A 265 11.90 -13.60 -11.01
CA THR A 265 12.48 -12.86 -9.89
C THR A 265 13.30 -11.73 -10.50
N LEU A 266 13.05 -10.50 -10.08
CA LEU A 266 13.76 -9.36 -10.67
C LEU A 266 14.60 -8.69 -9.61
N ASN A 267 15.88 -8.46 -9.91
CA ASN A 267 16.64 -7.54 -9.08
C ASN A 267 16.89 -6.27 -9.89
N VAL A 268 16.12 -5.24 -9.56
CA VAL A 268 16.09 -4.01 -10.35
C VAL A 268 17.27 -3.10 -9.97
N GLY A 269 18.03 -3.49 -8.95
CA GLY A 269 19.27 -2.80 -8.64
C GLY A 269 19.11 -1.55 -7.81
N LEU A 270 18.03 -1.50 -7.03
CA LEU A 270 17.77 -0.31 -6.22
C LEU A 270 17.78 -0.65 -4.74
N GLU A 271 18.36 -1.81 -4.40
CA GLU A 271 18.39 -2.33 -3.03
C GLU A 271 16.98 -2.69 -2.53
N ARG A 272 16.70 -2.48 -1.25
CA ARG A 272 15.48 -3.08 -0.65
C ARG A 272 14.18 -2.52 -1.22
N SER A 273 13.18 -3.36 -1.35
CA SER A 273 11.89 -2.94 -1.91
C SER A 273 10.90 -2.71 -0.76
N TRP A 274 10.14 -1.63 -0.84
CA TRP A 274 9.26 -1.22 0.26
C TRP A 274 7.80 -1.11 -0.10
N CYS A 275 7.47 -0.83 -1.36
CA CYS A 275 6.11 -0.47 -1.71
C CYS A 275 5.77 -0.77 -3.16
N ILE A 276 4.48 -0.81 -3.45
CA ILE A 276 3.97 -1.24 -4.75
C ILE A 276 2.71 -0.49 -5.14
N ALA A 277 2.53 -0.31 -6.44
CA ALA A 277 1.29 0.21 -6.99
C ALA A 277 0.99 -0.50 -8.31
N THR A 278 -0.28 -0.76 -8.56
CA THR A 278 -0.68 -1.28 -9.86
C THR A 278 -1.63 -0.27 -10.51
N HIS A 279 -1.51 -0.07 -11.81
CA HIS A 279 -2.33 0.97 -12.45
C HIS A 279 -3.83 0.67 -12.29
N PRO A 280 -4.61 1.66 -11.83
CA PRO A 280 -6.00 1.42 -11.41
C PRO A 280 -6.89 0.71 -12.45
N THR A 281 -6.53 0.76 -13.72
CA THR A 281 -7.32 0.10 -14.77
C THR A 281 -6.46 -0.72 -15.73
N GLY A 282 -5.27 -1.09 -15.28
CA GLY A 282 -4.40 -1.96 -16.05
C GLY A 282 -3.77 -1.37 -17.30
N ARG A 283 -3.77 -0.05 -17.40
CA ARG A 283 -3.13 0.64 -18.53
C ARG A 283 -1.73 0.11 -18.75
N LYS A 284 -1.50 -0.47 -19.92
CA LYS A 284 -0.21 -1.03 -20.31
C LYS A 284 0.32 -2.03 -19.29
N ASN A 285 -0.58 -2.56 -18.46
CA ASN A 285 -0.20 -3.45 -17.36
C ASN A 285 0.91 -2.86 -16.48
N TYR A 286 0.85 -1.55 -16.29
CA TYR A 286 1.88 -0.86 -15.50
C TYR A 286 1.87 -1.28 -14.02
N ILE A 287 3.05 -1.55 -13.47
CA ILE A 287 3.24 -1.60 -12.02
C ILE A 287 4.39 -0.67 -11.63
N ALA A 288 4.46 -0.26 -10.37
CA ALA A 288 5.56 0.57 -9.93
C ALA A 288 5.94 0.15 -8.53
N SER A 289 7.23 0.13 -8.24
CA SER A 289 7.70 -0.18 -6.91
C SER A 289 8.77 0.80 -6.42
N GLY A 290 8.74 1.09 -5.13
CA GLY A 290 9.68 1.99 -4.48
C GLY A 290 10.70 1.23 -3.66
N PHE A 291 11.95 1.71 -3.69
CA PHE A 291 13.07 0.99 -3.09
C PHE A 291 13.95 1.99 -2.32
N ASP A 292 14.96 1.45 -1.62
CA ASP A 292 15.96 2.25 -0.93
C ASP A 292 16.52 3.36 -1.80
N ASN A 293 16.76 3.06 -3.07
CA ASN A 293 17.52 4.00 -3.91
C ASN A 293 16.73 4.63 -5.06
N GLY A 294 15.41 4.45 -5.05
CA GLY A 294 14.58 5.08 -6.07
C GLY A 294 13.35 4.24 -6.39
N PHE A 295 12.78 4.45 -7.57
CA PHE A 295 11.61 3.69 -7.98
C PHE A 295 11.76 3.20 -9.39
N THR A 296 10.90 2.28 -9.75
CA THR A 296 10.79 1.87 -11.13
C THR A 296 9.34 1.68 -11.55
N VAL A 297 9.03 2.06 -12.79
CA VAL A 297 7.76 1.80 -13.41
C VAL A 297 8.00 0.80 -14.52
N LEU A 298 7.32 -0.33 -14.46
CA LEU A 298 7.49 -1.41 -15.42
C LEU A 298 6.18 -1.66 -16.16
N SER A 299 6.29 -2.01 -17.44
CA SER A 299 5.15 -2.53 -18.16
C SER A 299 5.33 -4.04 -18.19
N LEU A 300 4.33 -4.79 -17.71
CA LEU A 300 4.50 -6.24 -17.60
C LEU A 300 4.40 -6.94 -18.95
N ALA A 301 3.74 -6.26 -19.89
CA ALA A 301 3.69 -6.61 -21.32
C ALA A 301 2.66 -5.76 -22.05
N GLU B 1 13.19 0.21 20.60
CA GLU B 1 11.96 -0.53 20.84
C GLU B 1 10.98 -0.45 19.66
N LYS B 2 10.94 0.70 18.97
CA LYS B 2 10.10 0.77 17.77
C LYS B 2 10.74 -0.06 16.66
N VAL B 3 9.98 -1.00 16.11
CA VAL B 3 10.46 -1.81 15.01
C VAL B 3 10.03 -1.18 13.67
N HIS B 4 10.60 -1.77 12.46
CA HIS B 4 10.31 -1.11 11.19
C HIS B 4 10.46 0.40 11.27
N VAL B 5 11.52 0.86 11.75
CA VAL B 5 11.82 2.30 11.70
C VAL B 5 12.33 2.72 10.33
N GLN B 6 12.98 1.78 9.63
CA GLN B 6 13.49 2.12 8.29
C GLN B 6 12.37 2.14 7.27
#